data_3G4U
#
_entry.id   3G4U
#
_cell.length_a   93.170
_cell.length_b   43.830
_cell.length_c   83.430
_cell.angle_alpha   90.00
_cell.angle_beta   121.88
_cell.angle_gamma   90.00
#
_symmetry.space_group_name_H-M   'C 1 2 1'
#
loop_
_entity.id
_entity.type
_entity.pdbx_description
1 polymer GLOBIN-1
2 non-polymer 'PROTOPORPHYRIN IX CONTAINING FE'
3 non-polymer 'CARBON MONOXIDE'
4 non-polymer 1,3-dichloropropane
5 water water
#
_entity_poly.entity_id   1
_entity_poly.type   'polypeptide(L)'
_entity_poly.pdbx_seq_one_letter_code
;PSVYDAAAQLTADVKKDLRDSWKVIGSDKKGNGVALMTTLFADNQETIGYFKRLGDVSQGMANDKLRGHSITLMYALQNF
IDQLDNPDDLVCVVEKFAVNHITRKISAAEFGKINGPIKKVLASKNFGDKYANAWAKLVAVVQAAL
;
_entity_poly.pdbx_strand_id   A,B
#
loop_
_chem_comp.id
_chem_comp.type
_chem_comp.name
_chem_comp.formula
0CL non-polymer 1,3-dichloropropane 'C3 H6 Cl2'
CMO non-polymer 'CARBON MONOXIDE' 'C O'
HEM non-polymer 'PROTOPORPHYRIN IX CONTAINING FE' 'C34 H32 Fe N4 O4'
#
# COMPACT_ATOMS: atom_id res chain seq x y z
N SER A 2 17.40 -9.31 -14.06
CA SER A 2 16.06 -9.72 -14.56
C SER A 2 15.12 -10.01 -13.40
N VAL A 3 14.11 -9.17 -13.24
CA VAL A 3 13.15 -9.33 -12.16
C VAL A 3 12.48 -10.70 -12.21
N TYR A 4 12.34 -11.26 -13.41
CA TYR A 4 11.72 -12.56 -13.57
C TYR A 4 12.62 -13.69 -13.06
N ASP A 5 13.93 -13.57 -13.32
CA ASP A 5 14.85 -14.59 -12.85
C ASP A 5 14.97 -14.47 -11.33
N ALA A 6 14.90 -13.25 -10.83
CA ALA A 6 14.98 -12.99 -9.39
C ALA A 6 13.77 -13.63 -8.70
N ALA A 7 12.60 -13.47 -9.30
CA ALA A 7 11.37 -14.03 -8.74
C ALA A 7 11.43 -15.55 -8.71
N ALA A 8 12.14 -16.15 -9.66
CA ALA A 8 12.27 -17.60 -9.73
C ALA A 8 13.11 -18.12 -8.57
N GLN A 9 13.80 -17.20 -7.88
CA GLN A 9 14.64 -17.56 -6.75
C GLN A 9 13.81 -17.82 -5.51
N LEU A 10 12.52 -17.50 -5.58
CA LEU A 10 11.63 -17.71 -4.44
C LEU A 10 11.07 -19.13 -4.46
N THR A 11 11.88 -20.07 -3.96
CA THR A 11 11.49 -21.47 -3.90
C THR A 11 10.48 -21.72 -2.78
N ALA A 12 9.99 -22.96 -2.69
CA ALA A 12 9.03 -23.35 -1.69
C ALA A 12 9.49 -23.05 -0.26
N ASP A 13 10.74 -23.36 0.04
CA ASP A 13 11.30 -23.13 1.36
C ASP A 13 11.40 -21.64 1.69
N VAL A 14 11.80 -20.85 0.72
CA VAL A 14 11.94 -19.41 0.91
C VAL A 14 10.57 -18.77 1.18
N LYS A 15 9.58 -19.14 0.37
CA LYS A 15 8.24 -18.61 0.53
C LYS A 15 7.66 -18.97 1.89
N LYS A 16 7.91 -20.20 2.35
CA LYS A 16 7.41 -20.65 3.65
C LYS A 16 8.02 -19.81 4.77
N ASP A 17 9.32 -19.55 4.69
CA ASP A 17 10.00 -18.76 5.71
C ASP A 17 9.51 -17.32 5.70
N LEU A 18 9.21 -16.80 4.52
CA LEU A 18 8.71 -15.44 4.39
C LEU A 18 7.36 -15.34 5.10
N ARG A 19 6.47 -16.31 4.82
CA ARG A 19 5.15 -16.34 5.42
C ARG A 19 5.16 -16.53 6.93
N ASP A 20 5.92 -17.52 7.39
CA ASP A 20 6.00 -17.78 8.83
C ASP A 20 6.45 -16.56 9.60
N SER A 21 7.53 -15.93 9.15
CA SER A 21 8.03 -14.75 9.82
C SER A 21 7.07 -13.57 9.69
N TRP A 22 6.41 -13.44 8.54
CA TRP A 22 5.48 -12.31 8.34
C TRP A 22 4.27 -12.38 9.26
N LYS A 23 3.79 -13.59 9.57
CA LYS A 23 2.66 -13.74 10.46
C LYS A 23 2.93 -13.05 11.79
N VAL A 24 4.16 -13.14 12.27
CA VAL A 24 4.55 -12.53 13.53
C VAL A 24 4.82 -11.03 13.40
N ILE A 25 5.78 -10.67 12.56
CA ILE A 25 6.15 -9.28 12.38
C ILE A 25 5.04 -8.44 11.76
N GLY A 26 4.28 -9.03 10.85
CA GLY A 26 3.21 -8.30 10.19
C GLY A 26 1.99 -8.02 11.07
N SER A 27 1.94 -8.61 12.26
CA SER A 27 0.82 -8.41 13.17
C SER A 27 0.85 -7.03 13.82
N ASP A 28 2.03 -6.41 13.83
CA ASP A 28 2.19 -5.09 14.41
C ASP A 28 2.91 -4.21 13.40
N LYS A 29 2.15 -3.77 12.39
CA LYS A 29 2.67 -2.95 11.30
C LYS A 29 3.16 -1.58 11.73
N LYS A 30 2.48 -0.95 12.67
CA LYS A 30 2.89 0.36 13.15
C LYS A 30 4.16 0.28 13.99
N GLY A 31 4.21 -0.68 14.91
CA GLY A 31 5.37 -0.83 15.76
C GLY A 31 6.63 -1.29 15.04
N ASN A 32 6.51 -2.38 14.29
CA ASN A 32 7.65 -2.92 13.55
C ASN A 32 8.04 -2.07 12.35
N GLY A 33 7.06 -1.39 11.77
CA GLY A 33 7.35 -0.53 10.63
C GLY A 33 8.23 0.64 11.03
N VAL A 34 7.88 1.28 12.14
CA VAL A 34 8.66 2.42 12.63
C VAL A 34 10.03 1.94 13.12
N ALA A 35 10.09 0.75 13.69
CA ALA A 35 11.35 0.19 14.17
C ALA A 35 12.28 0.02 12.97
N LEU A 36 11.72 -0.50 11.87
CA LEU A 36 12.49 -0.73 10.66
C LEU A 36 13.10 0.58 10.13
N MET A 37 12.27 1.61 10.01
CA MET A 37 12.71 2.91 9.52
C MET A 37 13.75 3.59 10.42
N THR A 38 13.45 3.66 11.72
CA THR A 38 14.38 4.30 12.65
C THR A 38 15.73 3.58 12.64
N THR A 39 15.69 2.26 12.51
CA THR A 39 16.92 1.48 12.47
C THR A 39 17.71 1.87 11.21
N LEU A 40 16.98 2.07 10.11
CA LEU A 40 17.60 2.45 8.84
C LEU A 40 18.32 3.79 9.00
N PHE A 41 17.63 4.77 9.59
CA PHE A 41 18.20 6.09 9.78
C PHE A 41 19.35 6.07 10.78
N ALA A 42 19.24 5.20 11.78
CA ALA A 42 20.27 5.09 12.81
C ALA A 42 21.57 4.45 12.29
N ASP A 43 21.43 3.38 11.51
CA ASP A 43 22.60 2.68 10.98
C ASP A 43 23.09 3.25 9.65
N ASN A 44 22.23 3.93 8.90
CA ASN A 44 22.64 4.52 7.63
C ASN A 44 22.20 5.98 7.55
N GLN A 45 22.90 6.84 8.28
CA GLN A 45 22.58 8.26 8.31
C GLN A 45 22.60 8.96 6.96
N GLU A 46 23.41 8.44 6.04
CA GLU A 46 23.51 9.06 4.72
C GLU A 46 22.23 8.92 3.90
N THR A 47 21.27 8.13 4.38
CA THR A 47 20.02 7.94 3.66
C THR A 47 18.93 8.92 4.09
N ILE A 48 19.13 9.55 5.24
CA ILE A 48 18.15 10.49 5.79
C ILE A 48 17.77 11.62 4.83
N GLY A 49 18.73 12.08 4.03
CA GLY A 49 18.46 13.17 3.10
C GLY A 49 17.31 12.90 2.15
N TYR A 50 17.16 11.64 1.73
CA TYR A 50 16.08 11.25 0.82
C TYR A 50 14.69 11.45 1.39
N PHE A 51 14.59 11.41 2.72
CA PHE A 51 13.31 11.53 3.40
C PHE A 51 12.98 12.92 3.91
N LYS A 52 13.42 13.93 3.17
CA LYS A 52 13.18 15.32 3.54
C LYS A 52 11.71 15.64 3.84
N ARG A 53 10.80 15.07 3.06
CA ARG A 53 9.37 15.32 3.24
C ARG A 53 8.81 14.91 4.60
N LEU A 54 9.40 13.89 5.21
CA LEU A 54 8.93 13.40 6.50
C LEU A 54 9.27 14.28 7.71
N GLY A 55 10.09 15.30 7.49
CA GLY A 55 10.45 16.18 8.59
C GLY A 55 11.54 15.64 9.48
N ASP A 56 11.36 15.76 10.80
CA ASP A 56 12.34 15.29 11.77
C ASP A 56 12.13 13.80 12.11
N VAL A 57 12.81 12.94 11.37
CA VAL A 57 12.69 11.50 11.58
C VAL A 57 13.23 11.00 12.91
N SER A 58 14.00 11.82 13.62
CA SER A 58 14.56 11.41 14.90
C SER A 58 13.45 11.38 15.96
N GLN A 59 12.29 11.92 15.63
CA GLN A 59 11.16 11.94 16.55
C GLN A 59 10.45 10.59 16.60
N GLY A 60 10.83 9.70 15.67
CA GLY A 60 10.25 8.38 15.63
C GLY A 60 8.72 8.31 15.59
N MET A 61 8.16 7.54 16.51
CA MET A 61 6.71 7.35 16.60
C MET A 61 5.92 8.66 16.75
N ALA A 62 6.56 9.67 17.31
CA ALA A 62 5.92 10.97 17.53
C ALA A 62 5.69 11.74 16.23
N ASN A 63 6.44 11.38 15.20
CA ASN A 63 6.33 12.03 13.89
C ASN A 63 5.19 11.41 13.09
N ASP A 64 4.08 12.15 12.95
CA ASP A 64 2.91 11.66 12.22
C ASP A 64 3.22 11.22 10.79
N LYS A 65 4.00 12.02 10.07
CA LYS A 65 4.36 11.69 8.70
C LYS A 65 5.17 10.40 8.63
N LEU A 66 6.11 10.25 9.56
CA LEU A 66 6.94 9.05 9.59
C LEU A 66 6.08 7.83 9.90
N ARG A 67 5.16 7.97 10.85
CA ARG A 67 4.30 6.85 11.23
C ARG A 67 3.40 6.45 10.06
N GLY A 68 2.83 7.44 9.37
CA GLY A 68 1.99 7.14 8.23
C GLY A 68 2.80 6.41 7.17
N HIS A 69 4.00 6.91 6.92
CA HIS A 69 4.90 6.32 5.94
C HIS A 69 5.22 4.87 6.29
N SER A 70 5.59 4.65 7.54
CA SER A 70 5.96 3.32 8.05
C SER A 70 4.85 2.30 7.92
N ILE A 71 3.65 2.66 8.34
CA ILE A 71 2.51 1.77 8.25
C ILE A 71 2.30 1.37 6.78
N THR A 72 2.23 2.36 5.91
CA THR A 72 2.02 2.12 4.48
C THR A 72 3.10 1.18 3.91
N LEU A 73 4.34 1.36 4.34
CA LEU A 73 5.42 0.52 3.86
C LEU A 73 5.14 -0.95 4.19
N MET A 74 4.63 -1.20 5.40
CA MET A 74 4.33 -2.55 5.81
C MET A 74 3.25 -3.18 4.94
N TYR A 75 2.35 -2.36 4.40
CA TYR A 75 1.30 -2.87 3.54
C TYR A 75 1.85 -3.21 2.16
N ALA A 76 2.99 -2.64 1.81
CA ALA A 76 3.63 -2.94 0.53
C ALA A 76 4.19 -4.36 0.66
N LEU A 77 4.77 -4.65 1.82
CA LEU A 77 5.34 -5.97 2.09
C LEU A 77 4.19 -6.97 2.16
N GLN A 78 3.06 -6.54 2.73
CA GLN A 78 1.89 -7.40 2.84
C GLN A 78 1.45 -7.77 1.41
N ASN A 79 1.49 -6.78 0.53
CA ASN A 79 1.13 -6.95 -0.88
C ASN A 79 2.01 -8.04 -1.48
N PHE A 80 3.33 -7.88 -1.33
CA PHE A 80 4.29 -8.85 -1.86
C PHE A 80 3.98 -10.27 -1.37
N ILE A 81 3.82 -10.43 -0.06
CA ILE A 81 3.53 -11.74 0.52
C ILE A 81 2.30 -12.38 -0.13
N ASP A 82 1.22 -11.60 -0.26
CA ASP A 82 -0.01 -12.12 -0.86
C ASP A 82 0.12 -12.47 -2.34
N GLN A 83 1.14 -11.95 -3.01
CA GLN A 83 1.34 -12.23 -4.43
C GLN A 83 2.30 -13.39 -4.71
N LEU A 84 2.89 -13.95 -3.66
CA LEU A 84 3.85 -15.04 -3.81
C LEU A 84 3.38 -16.24 -4.63
N ASP A 85 2.08 -16.53 -4.63
CA ASP A 85 1.58 -17.66 -5.39
C ASP A 85 1.60 -17.42 -6.90
N ASN A 86 1.57 -16.14 -7.29
CA ASN A 86 1.56 -15.78 -8.70
C ASN A 86 2.71 -14.83 -9.03
N PRO A 87 3.77 -15.36 -9.66
CA PRO A 87 4.94 -14.55 -10.02
C PRO A 87 4.63 -13.42 -11.00
N ASP A 88 3.60 -13.59 -11.83
CA ASP A 88 3.24 -12.54 -12.77
C ASP A 88 2.65 -11.36 -12.02
N ASP A 89 1.86 -11.64 -10.99
CA ASP A 89 1.26 -10.57 -10.20
C ASP A 89 2.29 -9.98 -9.26
N LEU A 90 3.20 -10.82 -8.76
CA LEU A 90 4.22 -10.32 -7.87
C LEU A 90 5.09 -9.33 -8.62
N VAL A 91 5.48 -9.71 -9.84
CA VAL A 91 6.31 -8.84 -10.67
C VAL A 91 5.68 -7.49 -10.96
N CYS A 92 4.41 -7.46 -11.31
CA CYS A 92 3.78 -6.19 -11.62
C CYS A 92 3.67 -5.25 -10.42
N VAL A 93 3.48 -5.79 -9.22
CA VAL A 93 3.40 -4.91 -8.04
C VAL A 93 4.81 -4.46 -7.66
N VAL A 94 5.79 -5.34 -7.83
CA VAL A 94 7.17 -4.99 -7.52
C VAL A 94 7.61 -3.83 -8.42
N GLU A 95 7.32 -3.94 -9.71
CA GLU A 95 7.69 -2.89 -10.64
C GLU A 95 6.95 -1.58 -10.33
N LYS A 96 5.76 -1.70 -9.76
CA LYS A 96 4.99 -0.50 -9.41
C LYS A 96 5.70 0.26 -8.30
N PHE A 97 6.15 -0.45 -7.26
CA PHE A 97 6.85 0.20 -6.16
C PHE A 97 8.26 0.61 -6.54
N ALA A 98 8.83 -0.11 -7.51
CA ALA A 98 10.17 0.21 -7.98
C ALA A 98 10.15 1.62 -8.57
N VAL A 99 9.07 1.93 -9.30
CA VAL A 99 8.90 3.24 -9.92
C VAL A 99 8.91 4.33 -8.85
N ASN A 100 8.23 4.08 -7.74
CA ASN A 100 8.20 5.06 -6.66
C ASN A 100 9.60 5.40 -6.17
N HIS A 101 10.52 4.44 -6.26
CA HIS A 101 11.88 4.70 -5.82
C HIS A 101 12.79 5.19 -6.95
N ILE A 102 12.52 4.74 -8.17
CA ILE A 102 13.31 5.17 -9.32
C ILE A 102 13.21 6.69 -9.44
N THR A 103 12.01 7.23 -9.21
CA THR A 103 11.78 8.67 -9.30
C THR A 103 12.46 9.40 -8.16
N ARG A 104 12.65 8.71 -7.04
CA ARG A 104 13.31 9.29 -5.88
C ARG A 104 14.83 9.12 -6.01
N LYS A 105 15.26 8.61 -7.16
CA LYS A 105 16.68 8.40 -7.43
C LYS A 105 17.32 7.38 -6.50
N ILE A 106 16.60 6.29 -6.22
CA ILE A 106 17.11 5.24 -5.35
C ILE A 106 17.64 4.09 -6.19
N SER A 107 18.92 3.79 -6.03
CA SER A 107 19.55 2.71 -6.77
C SER A 107 19.36 1.37 -6.10
N ALA A 108 19.66 0.30 -6.82
CA ALA A 108 19.53 -1.06 -6.30
C ALA A 108 20.42 -1.22 -5.07
N ALA A 109 21.62 -0.65 -5.13
CA ALA A 109 22.57 -0.74 -4.03
C ALA A 109 22.07 -0.05 -2.77
N GLU A 110 21.52 1.16 -2.91
CA GLU A 110 21.03 1.87 -1.74
C GLU A 110 19.76 1.25 -1.18
N PHE A 111 18.97 0.64 -2.06
CA PHE A 111 17.74 -0.02 -1.62
C PHE A 111 18.14 -1.21 -0.75
N GLY A 112 19.27 -1.83 -1.10
CA GLY A 112 19.75 -2.97 -0.36
C GLY A 112 20.19 -2.67 1.06
N LYS A 113 20.33 -1.38 1.38
CA LYS A 113 20.74 -0.98 2.73
C LYS A 113 19.65 -1.33 3.74
N ILE A 114 18.49 -1.74 3.24
CA ILE A 114 17.37 -2.10 4.10
C ILE A 114 17.55 -3.49 4.70
N ASN A 115 18.43 -4.29 4.09
CA ASN A 115 18.67 -5.65 4.58
C ASN A 115 19.21 -5.66 6.02
N GLY A 116 20.08 -4.72 6.34
CA GLY A 116 20.63 -4.64 7.69
C GLY A 116 19.51 -4.46 8.70
N PRO A 117 18.68 -3.41 8.55
CA PRO A 117 17.57 -3.16 9.46
C PRO A 117 16.62 -4.36 9.59
N ILE A 118 16.31 -4.99 8.46
CA ILE A 118 15.42 -6.16 8.46
C ILE A 118 15.97 -7.27 9.33
N LYS A 119 17.27 -7.54 9.21
CA LYS A 119 17.88 -8.59 10.01
C LYS A 119 17.78 -8.26 11.50
N LYS A 120 18.00 -6.99 11.85
CA LYS A 120 17.94 -6.54 13.23
C LYS A 120 16.53 -6.62 13.80
N VAL A 121 15.53 -6.22 13.02
CA VAL A 121 14.14 -6.26 13.47
C VAL A 121 13.71 -7.71 13.65
N LEU A 122 14.16 -8.58 12.74
CA LEU A 122 13.84 -10.00 12.82
C LEU A 122 14.53 -10.62 14.04
N ALA A 123 15.79 -10.25 14.26
CA ALA A 123 16.56 -10.78 15.38
C ALA A 123 15.89 -10.48 16.72
N SER A 124 15.35 -9.27 16.85
CA SER A 124 14.70 -8.86 18.09
C SER A 124 13.40 -9.63 18.34
N LYS A 125 12.95 -10.36 17.32
CA LYS A 125 11.72 -11.15 17.45
C LYS A 125 12.09 -12.62 17.54
N ASN A 126 13.38 -12.89 17.58
CA ASN A 126 13.93 -14.24 17.68
C ASN A 126 13.94 -15.02 16.36
N PHE A 127 14.10 -14.31 15.25
CA PHE A 127 14.18 -14.96 13.93
C PHE A 127 15.61 -14.69 13.47
N GLY A 128 16.35 -15.76 13.18
CA GLY A 128 17.73 -15.61 12.77
C GLY A 128 18.07 -15.44 11.30
N ASP A 129 19.35 -15.55 11.00
CA ASP A 129 19.90 -15.40 9.65
C ASP A 129 19.07 -16.12 8.59
N LYS A 130 18.55 -17.28 8.95
CA LYS A 130 17.72 -18.06 8.03
C LYS A 130 16.60 -17.20 7.47
N TYR A 131 15.87 -16.53 8.37
CA TYR A 131 14.77 -15.67 7.97
C TYR A 131 15.27 -14.39 7.33
N ALA A 132 16.43 -13.90 7.78
CA ALA A 132 16.98 -12.67 7.22
C ALA A 132 17.39 -12.92 5.77
N ASN A 133 17.95 -14.09 5.50
CA ASN A 133 18.39 -14.44 4.16
C ASN A 133 17.18 -14.62 3.23
N ALA A 134 16.07 -15.09 3.77
CA ALA A 134 14.86 -15.29 2.98
C ALA A 134 14.38 -13.94 2.49
N TRP A 135 14.35 -12.96 3.40
CA TRP A 135 13.90 -11.62 3.06
C TRP A 135 14.85 -10.89 2.12
N ALA A 136 16.14 -11.23 2.19
CA ALA A 136 17.13 -10.61 1.31
C ALA A 136 16.77 -10.99 -0.13
N LYS A 137 16.26 -12.21 -0.30
CA LYS A 137 15.86 -12.70 -1.61
C LYS A 137 14.63 -11.98 -2.15
N LEU A 138 13.71 -11.60 -1.27
CA LEU A 138 12.52 -10.88 -1.74
C LEU A 138 12.98 -9.46 -2.10
N VAL A 139 13.84 -8.90 -1.27
CA VAL A 139 14.36 -7.56 -1.51
C VAL A 139 15.12 -7.55 -2.84
N ALA A 140 15.78 -8.66 -3.15
CA ALA A 140 16.54 -8.76 -4.40
C ALA A 140 15.63 -8.64 -5.62
N VAL A 141 14.38 -9.09 -5.49
CA VAL A 141 13.45 -8.99 -6.61
C VAL A 141 13.18 -7.53 -6.92
N VAL A 142 13.04 -6.71 -5.88
CA VAL A 142 12.80 -5.28 -6.06
C VAL A 142 14.06 -4.64 -6.65
N GLN A 143 15.22 -5.03 -6.14
CA GLN A 143 16.48 -4.49 -6.62
C GLN A 143 16.65 -4.68 -8.13
N ALA A 144 16.24 -5.85 -8.61
CA ALA A 144 16.36 -6.17 -10.04
C ALA A 144 15.50 -5.25 -10.90
N ALA A 145 14.58 -4.54 -10.28
CA ALA A 145 13.70 -3.64 -11.02
C ALA A 145 14.09 -2.18 -10.87
N LEU A 146 15.20 -1.90 -10.21
CA LEU A 146 15.64 -0.52 -10.01
C LEU A 146 16.73 -0.14 -11.01
N SER B 2 -11.68 19.50 10.11
CA SER B 2 -10.36 18.86 9.84
C SER B 2 -10.55 17.40 9.44
N VAL B 3 -9.48 16.77 8.98
CA VAL B 3 -9.54 15.36 8.59
C VAL B 3 -9.89 14.52 9.82
N TYR B 4 -9.33 14.91 10.96
CA TYR B 4 -9.59 14.21 12.20
C TYR B 4 -11.08 14.25 12.50
N ASP B 5 -11.69 15.42 12.32
CA ASP B 5 -13.12 15.57 12.56
C ASP B 5 -13.93 14.58 11.73
N ALA B 6 -13.57 14.46 10.46
CA ALA B 6 -14.26 13.54 9.55
C ALA B 6 -14.03 12.09 9.97
N ALA B 7 -12.81 11.78 10.37
CA ALA B 7 -12.48 10.42 10.80
C ALA B 7 -13.22 10.07 12.08
N ALA B 8 -13.11 10.95 13.07
CA ALA B 8 -13.75 10.74 14.36
C ALA B 8 -15.27 10.63 14.29
N GLN B 9 -15.86 10.96 13.14
CA GLN B 9 -17.31 10.89 13.01
C GLN B 9 -17.81 9.49 12.64
N LEU B 10 -16.97 8.73 11.92
CA LEU B 10 -17.32 7.38 11.51
C LEU B 10 -17.85 6.58 12.71
N THR B 11 -19.13 6.27 12.69
CA THR B 11 -19.78 5.55 13.80
C THR B 11 -19.58 4.04 13.75
N ALA B 12 -19.93 3.37 14.86
CA ALA B 12 -19.80 1.93 14.95
C ALA B 12 -20.60 1.23 13.86
N ASP B 13 -21.77 1.77 13.53
CA ASP B 13 -22.60 1.17 12.50
C ASP B 13 -21.98 1.30 11.11
N VAL B 14 -21.35 2.44 10.85
CA VAL B 14 -20.69 2.68 9.58
C VAL B 14 -19.46 1.78 9.46
N LYS B 15 -18.68 1.68 10.51
CA LYS B 15 -17.48 0.84 10.50
C LYS B 15 -17.87 -0.61 10.24
N LYS B 16 -19.01 -1.02 10.81
CA LYS B 16 -19.52 -2.37 10.63
C LYS B 16 -19.84 -2.65 9.15
N ASP B 17 -20.56 -1.74 8.51
CA ASP B 17 -20.90 -1.93 7.11
C ASP B 17 -19.66 -1.90 6.22
N LEU B 18 -18.68 -1.06 6.59
CA LEU B 18 -17.43 -0.98 5.83
C LEU B 18 -16.70 -2.32 5.88
N ARG B 19 -16.55 -2.86 7.09
CA ARG B 19 -15.86 -4.12 7.30
C ARG B 19 -16.57 -5.33 6.69
N ASP B 20 -17.90 -5.37 6.80
CA ASP B 20 -18.65 -6.49 6.23
C ASP B 20 -18.54 -6.50 4.71
N SER B 21 -18.59 -5.32 4.10
CA SER B 21 -18.50 -5.25 2.64
C SER B 21 -17.06 -5.51 2.18
N TRP B 22 -16.09 -5.03 2.96
CA TRP B 22 -14.69 -5.23 2.59
C TRP B 22 -14.27 -6.70 2.69
N LYS B 23 -14.88 -7.44 3.60
CA LYS B 23 -14.58 -8.87 3.77
C LYS B 23 -14.72 -9.58 2.42
N VAL B 24 -15.79 -9.24 1.71
CA VAL B 24 -16.09 -9.85 0.41
C VAL B 24 -15.30 -9.21 -0.73
N ILE B 25 -15.54 -7.93 -0.98
CA ILE B 25 -14.86 -7.21 -2.05
C ILE B 25 -13.35 -7.26 -1.90
N GLY B 26 -12.88 -7.08 -0.67
CA GLY B 26 -11.45 -7.08 -0.41
C GLY B 26 -10.75 -8.43 -0.52
N SER B 27 -11.51 -9.52 -0.62
CA SER B 27 -10.93 -10.85 -0.72
C SER B 27 -10.41 -11.15 -2.12
N ASP B 28 -10.79 -10.33 -3.08
CA ASP B 28 -10.33 -10.49 -4.45
C ASP B 28 -9.86 -9.11 -4.91
N LYS B 29 -8.70 -8.72 -4.40
CA LYS B 29 -8.13 -7.42 -4.69
C LYS B 29 -7.78 -7.19 -6.16
N LYS B 30 -7.25 -8.22 -6.83
CA LYS B 30 -6.91 -8.09 -8.24
C LYS B 30 -8.16 -7.98 -9.09
N GLY B 31 -9.12 -8.85 -8.86
CA GLY B 31 -10.35 -8.82 -9.64
C GLY B 31 -11.20 -7.58 -9.41
N ASN B 32 -11.43 -7.25 -8.15
CA ASN B 32 -12.26 -6.09 -7.83
C ASN B 32 -11.56 -4.75 -8.01
N GLY B 33 -10.24 -4.73 -7.83
CA GLY B 33 -9.51 -3.50 -8.03
C GLY B 33 -9.49 -3.11 -9.50
N VAL B 34 -9.28 -4.09 -10.38
CA VAL B 34 -9.25 -3.81 -11.81
C VAL B 34 -10.64 -3.39 -12.30
N ALA B 35 -11.67 -4.03 -11.76
CA ALA B 35 -13.05 -3.69 -12.14
C ALA B 35 -13.36 -2.26 -11.71
N LEU B 36 -12.86 -1.86 -10.54
CA LEU B 36 -13.10 -0.51 -10.03
C LEU B 36 -12.47 0.54 -10.94
N MET B 37 -11.23 0.30 -11.34
CA MET B 37 -10.51 1.21 -12.23
C MET B 37 -11.16 1.27 -13.61
N THR B 38 -11.44 0.11 -14.19
CA THR B 38 -12.06 0.05 -15.52
C THR B 38 -13.41 0.76 -15.54
N THR B 39 -14.15 0.63 -14.43
CA THR B 39 -15.45 1.26 -14.33
C THR B 39 -15.29 2.78 -14.26
N LEU B 40 -14.23 3.23 -13.60
CA LEU B 40 -13.97 4.66 -13.50
C LEU B 40 -13.70 5.25 -14.88
N PHE B 41 -12.90 4.54 -15.68
CA PHE B 41 -12.57 4.99 -17.04
C PHE B 41 -13.76 4.94 -17.98
N ALA B 42 -14.66 3.99 -17.75
CA ALA B 42 -15.83 3.83 -18.60
C ALA B 42 -16.86 4.93 -18.37
N ASP B 43 -17.06 5.30 -17.10
CA ASP B 43 -18.04 6.32 -16.75
C ASP B 43 -17.49 7.73 -16.69
N ASN B 44 -16.18 7.87 -16.49
CA ASN B 44 -15.56 9.19 -16.43
C ASN B 44 -14.33 9.21 -17.34
N GLN B 45 -14.58 9.15 -18.64
CA GLN B 45 -13.50 9.13 -19.62
C GLN B 45 -12.54 10.30 -19.49
N GLU B 46 -13.01 11.41 -18.92
CA GLU B 46 -12.17 12.59 -18.76
C GLU B 46 -10.98 12.36 -17.83
N THR B 47 -11.03 11.28 -17.03
CA THR B 47 -9.94 11.01 -16.10
C THR B 47 -8.83 10.15 -16.70
N ILE B 48 -9.08 9.56 -17.87
CA ILE B 48 -8.10 8.72 -18.52
C ILE B 48 -6.73 9.39 -18.64
N GLY B 49 -6.73 10.66 -19.05
CA GLY B 49 -5.48 11.39 -19.20
C GLY B 49 -4.56 11.39 -17.99
N TYR B 50 -5.11 11.32 -16.79
CA TYR B 50 -4.31 11.33 -15.57
C TYR B 50 -3.46 10.08 -15.38
N PHE B 51 -3.86 8.99 -16.01
CA PHE B 51 -3.17 7.70 -15.89
C PHE B 51 -2.30 7.32 -17.08
N LYS B 52 -1.68 8.30 -17.72
CA LYS B 52 -0.85 8.01 -18.88
C LYS B 52 0.34 7.11 -18.59
N ARG B 53 0.78 7.04 -17.33
CA ARG B 53 1.91 6.18 -16.99
C ARG B 53 1.53 4.71 -17.12
N LEU B 54 0.24 4.41 -17.02
CA LEU B 54 -0.23 3.04 -17.10
C LEU B 54 -0.41 2.54 -18.53
N GLY B 55 -0.11 3.38 -19.51
CA GLY B 55 -0.24 2.98 -20.90
C GLY B 55 -1.68 2.88 -21.38
N ASP B 56 -2.02 1.80 -22.07
CA ASP B 56 -3.36 1.60 -22.59
C ASP B 56 -4.25 0.94 -21.55
N VAL B 57 -5.07 1.73 -20.86
CA VAL B 57 -5.94 1.21 -19.81
C VAL B 57 -7.13 0.40 -20.31
N SER B 58 -7.38 0.40 -21.61
CA SER B 58 -8.49 -0.37 -22.15
C SER B 58 -8.08 -1.84 -22.24
N GLN B 59 -6.81 -2.11 -21.99
CA GLN B 59 -6.26 -3.47 -22.03
C GLN B 59 -6.73 -4.26 -20.81
N GLY B 60 -7.23 -3.55 -19.80
CA GLY B 60 -7.71 -4.21 -18.60
C GLY B 60 -6.69 -5.06 -17.86
N MET B 61 -7.12 -6.26 -17.49
CA MET B 61 -6.28 -7.22 -16.75
C MET B 61 -4.95 -7.52 -17.44
N ALA B 62 -4.96 -7.49 -18.77
CA ALA B 62 -3.75 -7.79 -19.55
C ALA B 62 -2.66 -6.74 -19.36
N ASN B 63 -3.05 -5.53 -18.97
CA ASN B 63 -2.09 -4.44 -18.77
C ASN B 63 -1.44 -4.60 -17.40
N ASP B 64 -0.19 -5.07 -17.38
CA ASP B 64 0.55 -5.29 -16.14
C ASP B 64 0.64 -4.05 -15.25
N LYS B 65 0.87 -2.89 -15.86
CA LYS B 65 0.97 -1.66 -15.09
C LYS B 65 -0.37 -1.31 -14.42
N LEU B 66 -1.45 -1.52 -15.15
CA LEU B 66 -2.78 -1.24 -14.61
C LEU B 66 -3.11 -2.25 -13.52
N ARG B 67 -2.68 -3.49 -13.74
CA ARG B 67 -2.94 -4.55 -12.77
C ARG B 67 -2.17 -4.27 -11.48
N GLY B 68 -0.91 -3.87 -11.61
CA GLY B 68 -0.11 -3.56 -10.43
C GLY B 68 -0.66 -2.38 -9.67
N HIS B 69 -1.16 -1.39 -10.40
CA HIS B 69 -1.74 -0.20 -9.78
C HIS B 69 -3.03 -0.55 -9.04
N SER B 70 -3.87 -1.34 -9.70
CA SER B 70 -5.15 -1.74 -9.13
C SER B 70 -5.03 -2.55 -7.84
N ILE B 71 -4.09 -3.49 -7.82
CA ILE B 71 -3.88 -4.31 -6.64
C ILE B 71 -3.40 -3.43 -5.49
N THR B 72 -2.46 -2.54 -5.80
CA THR B 72 -1.91 -1.63 -4.81
C THR B 72 -2.97 -0.69 -4.24
N LEU B 73 -3.89 -0.25 -5.08
CA LEU B 73 -4.95 0.65 -4.63
C LEU B 73 -5.83 -0.06 -3.59
N MET B 74 -6.04 -1.36 -3.78
CA MET B 74 -6.87 -2.14 -2.86
C MET B 74 -6.20 -2.29 -1.49
N TYR B 75 -4.87 -2.23 -1.45
CA TYR B 75 -4.13 -2.33 -0.20
C TYR B 75 -4.15 -1.01 0.55
N ALA B 76 -4.40 0.08 -0.18
CA ALA B 76 -4.50 1.40 0.45
C ALA B 76 -5.83 1.35 1.21
N LEU B 77 -6.83 0.73 0.60
CA LEU B 77 -8.14 0.60 1.22
C LEU B 77 -8.04 -0.36 2.40
N GLN B 78 -7.24 -1.41 2.23
CA GLN B 78 -7.04 -2.39 3.30
C GLN B 78 -6.47 -1.63 4.49
N ASN B 79 -5.51 -0.76 4.19
CA ASN B 79 -4.85 0.07 5.20
C ASN B 79 -5.90 0.89 5.95
N PHE B 80 -6.77 1.57 5.21
CA PHE B 80 -7.83 2.38 5.82
C PHE B 80 -8.70 1.54 6.73
N ILE B 81 -9.20 0.42 6.21
CA ILE B 81 -10.05 -0.47 6.98
C ILE B 81 -9.42 -0.91 8.30
N ASP B 82 -8.13 -1.25 8.26
CA ASP B 82 -7.43 -1.69 9.47
C ASP B 82 -7.22 -0.60 10.50
N GLN B 83 -7.20 0.65 10.08
CA GLN B 83 -6.99 1.76 11.00
C GLN B 83 -8.28 2.40 11.53
N LEU B 84 -9.43 1.82 11.16
CA LEU B 84 -10.72 2.37 11.58
C LEU B 84 -10.91 2.66 13.07
N ASP B 85 -10.47 1.78 13.95
CA ASP B 85 -10.66 2.02 15.38
C ASP B 85 -9.66 2.97 16.03
N ASN B 86 -8.76 3.53 15.25
CA ASN B 86 -7.78 4.47 15.79
C ASN B 86 -7.66 5.66 14.85
N PRO B 87 -8.55 6.66 15.01
CA PRO B 87 -8.56 7.87 14.19
C PRO B 87 -7.19 8.47 13.98
N ASP B 88 -6.38 8.48 15.04
CA ASP B 88 -5.03 9.04 14.95
C ASP B 88 -4.22 8.33 13.87
N ASP B 89 -4.33 7.01 13.78
CA ASP B 89 -3.59 6.28 12.76
C ASP B 89 -4.27 6.41 11.40
N LEU B 90 -5.60 6.45 11.39
CA LEU B 90 -6.32 6.60 10.13
C LEU B 90 -5.91 7.91 9.48
N VAL B 91 -5.93 8.98 10.27
CA VAL B 91 -5.57 10.30 9.79
C VAL B 91 -4.18 10.38 9.16
N CYS B 92 -3.17 9.86 9.85
CA CYS B 92 -1.81 9.93 9.31
C CYS B 92 -1.64 9.13 8.02
N VAL B 93 -2.39 8.05 7.84
CA VAL B 93 -2.27 7.28 6.61
C VAL B 93 -3.08 7.93 5.49
N VAL B 94 -4.23 8.51 5.85
CA VAL B 94 -5.07 9.19 4.88
C VAL B 94 -4.29 10.38 4.32
N GLU B 95 -3.64 11.14 5.20
CA GLU B 95 -2.87 12.28 4.76
C GLU B 95 -1.71 11.86 3.85
N LYS B 96 -1.16 10.68 4.10
CA LYS B 96 -0.04 10.20 3.28
C LYS B 96 -0.52 9.98 1.85
N PHE B 97 -1.64 9.29 1.68
CA PHE B 97 -2.19 9.05 0.36
C PHE B 97 -2.72 10.33 -0.29
N ALA B 98 -3.16 11.27 0.53
CA ALA B 98 -3.66 12.54 0.01
C ALA B 98 -2.55 13.26 -0.74
N VAL B 99 -1.33 13.22 -0.19
CA VAL B 99 -0.18 13.86 -0.82
C VAL B 99 0.07 13.25 -2.20
N ASN B 100 -0.10 11.95 -2.31
CA ASN B 100 0.08 11.26 -3.58
C ASN B 100 -0.83 11.84 -4.66
N HIS B 101 -2.04 12.24 -4.25
CA HIS B 101 -2.99 12.82 -5.20
C HIS B 101 -2.86 14.33 -5.32
N ILE B 102 -2.49 15.00 -4.23
CA ILE B 102 -2.31 16.44 -4.25
C ILE B 102 -1.21 16.75 -5.25
N THR B 103 -0.20 15.88 -5.31
CA THR B 103 0.91 16.07 -6.23
C THR B 103 0.45 15.92 -7.68
N ARG B 104 -0.57 15.09 -7.90
CA ARG B 104 -1.10 14.90 -9.27
C ARG B 104 -2.22 15.90 -9.57
N LYS B 105 -2.34 16.92 -8.72
CA LYS B 105 -3.36 17.95 -8.90
C LYS B 105 -4.78 17.41 -8.91
N ILE B 106 -5.06 16.45 -8.03
CA ILE B 106 -6.40 15.86 -7.94
C ILE B 106 -7.17 16.62 -6.85
N SER B 107 -8.26 17.27 -7.23
CA SER B 107 -9.08 18.03 -6.28
C SER B 107 -10.01 17.12 -5.50
N ALA B 108 -10.57 17.65 -4.42
CA ALA B 108 -11.49 16.88 -3.59
C ALA B 108 -12.69 16.42 -4.41
N ALA B 109 -13.17 17.29 -5.30
CA ALA B 109 -14.30 16.96 -6.15
C ALA B 109 -13.98 15.83 -7.11
N GLU B 110 -12.82 15.90 -7.76
CA GLU B 110 -12.42 14.87 -8.70
C GLU B 110 -12.23 13.52 -8.02
N PHE B 111 -11.68 13.54 -6.81
CA PHE B 111 -11.45 12.33 -6.05
C PHE B 111 -12.80 11.67 -5.71
N GLY B 112 -13.83 12.49 -5.51
CA GLY B 112 -15.15 11.96 -5.20
C GLY B 112 -15.81 11.23 -6.36
N LYS B 113 -15.20 11.31 -7.54
CA LYS B 113 -15.74 10.64 -8.71
C LYS B 113 -15.66 9.12 -8.54
N ILE B 114 -14.83 8.68 -7.60
CA ILE B 114 -14.67 7.25 -7.35
C ILE B 114 -15.92 6.65 -6.70
N ASN B 115 -16.79 7.50 -6.15
CA ASN B 115 -18.00 7.01 -5.49
C ASN B 115 -18.95 6.24 -6.41
N GLY B 116 -19.09 6.70 -7.65
CA GLY B 116 -19.98 6.01 -8.58
C GLY B 116 -19.46 4.60 -8.83
N PRO B 117 -18.20 4.44 -9.23
CA PRO B 117 -17.62 3.12 -9.50
C PRO B 117 -17.73 2.21 -8.28
N ILE B 118 -17.47 2.76 -7.09
CA ILE B 118 -17.56 2.00 -5.86
C ILE B 118 -18.96 1.43 -5.69
N LYS B 119 -19.96 2.29 -5.91
CA LYS B 119 -21.35 1.86 -5.78
C LYS B 119 -21.64 0.68 -6.70
N LYS B 120 -21.15 0.74 -7.94
CA LYS B 120 -21.38 -0.35 -8.89
C LYS B 120 -20.69 -1.64 -8.49
N VAL B 121 -19.43 -1.54 -8.09
CA VAL B 121 -18.69 -2.74 -7.66
C VAL B 121 -19.41 -3.37 -6.48
N LEU B 122 -19.84 -2.55 -5.54
CA LEU B 122 -20.57 -3.04 -4.37
C LEU B 122 -21.84 -3.78 -4.79
N ALA B 123 -22.57 -3.18 -5.73
CA ALA B 123 -23.81 -3.76 -6.22
C ALA B 123 -23.61 -5.10 -6.90
N SER B 124 -22.49 -5.26 -7.61
CA SER B 124 -22.23 -6.52 -8.30
C SER B 124 -22.14 -7.67 -7.29
N LYS B 125 -21.92 -7.31 -6.02
CA LYS B 125 -21.85 -8.30 -4.95
C LYS B 125 -23.08 -8.22 -4.07
N ASN B 126 -24.09 -7.50 -4.54
CA ASN B 126 -25.36 -7.33 -3.83
C ASN B 126 -25.32 -6.50 -2.56
N PHE B 127 -24.40 -5.54 -2.49
CA PHE B 127 -24.31 -4.65 -1.34
C PHE B 127 -25.00 -3.36 -1.81
N GLY B 128 -26.10 -3.02 -1.16
CA GLY B 128 -26.88 -1.84 -1.55
C GLY B 128 -26.43 -0.45 -1.15
N ASP B 129 -27.36 0.49 -1.33
CA ASP B 129 -27.13 1.91 -1.03
C ASP B 129 -26.54 2.18 0.34
N LYS B 130 -27.01 1.46 1.35
CA LYS B 130 -26.50 1.64 2.71
C LYS B 130 -24.98 1.49 2.73
N TYR B 131 -24.49 0.47 2.04
CA TYR B 131 -23.06 0.22 1.98
C TYR B 131 -22.34 1.27 1.13
N ALA B 132 -22.98 1.73 0.07
CA ALA B 132 -22.38 2.74 -0.79
C ALA B 132 -22.24 4.05 0.00
N ASN B 133 -23.24 4.34 0.83
CA ASN B 133 -23.21 5.54 1.65
C ASN B 133 -22.11 5.44 2.69
N ALA B 134 -21.89 4.23 3.20
CA ALA B 134 -20.86 4.01 4.21
C ALA B 134 -19.49 4.31 3.60
N TRP B 135 -19.29 3.86 2.36
CA TRP B 135 -18.01 4.12 1.70
C TRP B 135 -17.84 5.57 1.28
N ALA B 136 -18.95 6.23 0.97
CA ALA B 136 -18.90 7.63 0.59
C ALA B 136 -18.36 8.42 1.77
N LYS B 137 -18.69 7.97 2.97
CA LYS B 137 -18.23 8.62 4.19
C LYS B 137 -16.72 8.44 4.39
N LEU B 138 -16.19 7.27 4.04
CA LEU B 138 -14.76 7.03 4.18
C LEU B 138 -14.01 7.85 3.13
N VAL B 139 -14.60 8.00 1.94
CA VAL B 139 -14.00 8.77 0.87
C VAL B 139 -13.94 10.24 1.28
N ALA B 140 -14.98 10.68 1.99
CA ALA B 140 -15.05 12.06 2.45
C ALA B 140 -13.92 12.37 3.42
N VAL B 141 -13.42 11.36 4.11
CA VAL B 141 -12.31 11.57 5.03
C VAL B 141 -11.10 12.00 4.22
N VAL B 142 -10.91 11.36 3.08
CA VAL B 142 -9.79 11.69 2.20
C VAL B 142 -10.01 13.07 1.58
N GLN B 143 -11.26 13.35 1.22
CA GLN B 143 -11.61 14.64 0.62
C GLN B 143 -11.28 15.78 1.57
N ALA B 144 -11.45 15.55 2.87
CA ALA B 144 -11.19 16.58 3.87
C ALA B 144 -9.70 16.93 3.86
N ALA B 145 -8.88 16.06 3.30
CA ALA B 145 -7.44 16.29 3.25
C ALA B 145 -7.01 16.87 1.90
N LEU B 146 -7.93 16.95 0.96
CA LEU B 146 -7.63 17.47 -0.38
C LEU B 146 -8.14 18.90 -0.56
CHA HEM C . 8.72 5.80 -0.29
CHB HEM C . 8.25 1.00 0.34
CHC HEM C . 13.06 0.70 1.09
CHD HEM C . 13.57 5.39 -0.03
C1A HEM C . 8.15 4.53 -0.15
C2A HEM C . 6.74 4.22 -0.26
C3A HEM C . 6.60 2.88 -0.05
C4A HEM C . 7.94 2.35 0.16
CMA HEM C . 5.29 2.09 -0.05
CAA HEM C . 5.68 5.23 -0.68
CBA HEM C . 5.69 5.44 -2.18
CGA HEM C . 5.02 6.72 -2.60
O1A HEM C . 3.87 6.97 -2.17
O2A HEM C . 5.63 7.50 -3.36
C1B HEM C . 9.53 0.48 0.53
C2B HEM C . 9.84 -0.91 0.82
C3B HEM C . 11.17 -1.00 1.07
C4B HEM C . 11.70 0.35 0.92
CMB HEM C . 8.84 -2.06 0.86
CAB HEM C . 11.93 -2.14 1.35
CBB HEM C . 11.66 -3.03 2.45
C1C HEM C . 13.61 1.96 0.87
C2C HEM C . 15.03 2.29 1.07
C3C HEM C . 15.18 3.61 0.74
C4C HEM C . 13.86 4.08 0.34
CMC HEM C . 16.09 1.32 1.56
CAC HEM C . 16.32 4.43 0.88
CBC HEM C . 17.70 4.03 0.84
C1D HEM C . 12.28 5.92 -0.21
C2D HEM C . 11.98 7.34 -0.38
C3D HEM C . 10.64 7.45 -0.40
C4D HEM C . 10.08 6.10 -0.26
CMD HEM C . 12.97 8.49 -0.51
CAD HEM C . 9.85 8.73 -0.49
CBD HEM C . 9.37 9.19 0.88
CGD HEM C . 8.45 10.39 0.79
O1D HEM C . 8.90 11.44 0.29
O2D HEM C . 7.29 10.28 1.23
NA HEM C . 8.88 3.37 0.09
NB HEM C . 10.70 1.24 0.57
NC HEM C . 12.89 3.07 0.46
ND HEM C . 11.09 5.18 -0.12
FE HEM C . 10.88 3.21 0.19
C CMO D . 10.87 3.58 2.05
O CMO D . 11.10 3.85 3.22
CL1 0CL E . 9.12 -10.34 8.74
C2 0CL E . 10.19 -8.96 8.30
C3 0CL E . 9.33 -7.77 7.89
C4 0CL E . 10.27 -6.60 7.54
CL5 0CL E . 10.49 -5.60 9.02
CHA HEM F . -2.20 7.03 -7.73
CHB HEM F . -5.15 5.19 -4.30
CHC HEM F . -8.96 7.46 -6.36
CHD HEM F . -5.92 9.63 -9.51
C1A HEM F . -2.69 6.28 -6.65
C2A HEM F . -1.86 5.44 -5.80
C3A HEM F . -2.67 4.89 -4.85
C4A HEM F . -4.01 5.43 -5.10
CMA HEM F . -2.28 3.91 -3.77
CAA HEM F . -0.37 5.27 -5.98
CBA HEM F . 0.41 6.45 -5.42
CGA HEM F . 1.83 6.50 -5.95
O1A HEM F . 2.51 5.45 -5.93
O2A HEM F . 2.28 7.59 -6.38
C1B HEM F . -6.43 5.74 -4.49
C2B HEM F . -7.62 5.40 -3.70
C3B HEM F . -8.70 5.95 -4.33
C4B HEM F . -8.17 6.69 -5.48
CMB HEM F . -7.64 4.61 -2.41
CAB HEM F . -10.04 5.96 -3.91
CBB HEM F . -10.80 4.89 -3.30
C1C HEM F . -8.46 8.25 -7.42
C2C HEM F . -9.28 9.07 -8.31
C3C HEM F . -8.43 9.76 -9.13
C4C HEM F . -7.08 9.28 -8.80
CMC HEM F . -10.81 9.09 -8.32
CAC HEM F . -8.70 10.77 -10.06
CBC HEM F . -9.91 10.98 -10.82
C1D HEM F . -4.64 9.08 -9.32
C2D HEM F . -3.51 9.31 -10.21
C3D HEM F . -2.49 8.56 -9.72
C4D HEM F . -2.97 7.89 -8.53
CMD HEM F . -3.48 10.11 -11.51
CAD HEM F . -1.12 8.39 -10.35
CBD HEM F . -0.99 7.09 -11.16
CGD HEM F . 0.41 6.88 -11.70
O1D HEM F . 0.84 7.68 -12.55
O2D HEM F . 1.07 5.91 -11.26
NA HEM F . -4.00 6.28 -6.20
NB HEM F . -6.78 6.56 -5.55
NC HEM F . -7.12 8.37 -7.74
ND HEM F . -4.32 8.18 -8.31
FE HEM F . -5.54 7.38 -6.92
C CMO G . -5.95 6.03 -8.12
O CMO G . -6.33 5.28 -9.00
CL1 0CL H . -16.14 -3.08 -0.29
C2 0CL H . -16.02 -1.85 -1.59
C3 0CL H . -14.58 -1.36 -1.68
C4 0CL H . -14.51 -0.30 -2.79
CL5 0CL H . -14.34 -1.14 -4.38
#